data_8F4W
#
_entry.id   8F4W
#
_cell.length_a   175.008
_cell.length_b   175.008
_cell.length_c   124.366
_cell.angle_alpha   90.00
_cell.angle_beta   90.00
_cell.angle_gamma   120.00
#
_symmetry.space_group_name_H-M   'H 3 2'
#
loop_
_entity.id
_entity.type
_entity.pdbx_description
1 polymer 'N-acetyltransferase Eis'
2 non-polymer 1-[(1R)-2-(dimethylamino)-1-(4-methoxyphenyl)ethyl]cyclohexan-1-ol
3 non-polymer 'DIMETHYL SULFOXIDE'
4 non-polymer GLYCEROL
5 non-polymer DI(HYDROXYETHYL)ETHER
6 water water
#
_entity_poly.entity_id   1
_entity_poly.type   'polypeptide(L)'
_entity_poly.pdbx_seq_one_letter_code
;MGSSHHHHHHSSGLVPRGSHMTVTLCSPTEDDWPGMFLLAAASFTDFIGPESATAWRTLVPTDGAVVVRDGAGPGSEVVG
MALYMDLRLTVPGEVVLPTAGLSFVAVAPTHRRRGLLRAMCAELHRRIADSGYPVAALHASEGGIYGRFGYGPATTLHEL
TVDRRFARFHADAPGGGLGGSSVRLVRPTEHRGEFEAIYERWRQQVPGGLLRPQVLWDELLAEAKAAPGGDRESFALLHP
DGYALYRVDRTDLKLARVSELRAVTADAHCALWRALIGLDSMERISIITHPQDPLPHLLTDTRLARTTWRQDGLWLRIMN
VPAALEARGYAHEVGEFSTVLEVSDGGRFALKIGDGRARCTPTDAAAEIEMDRDVLGSLYLGAHRASTLAAANRLRTKDS
QLLRRLDAAFASDVPVQTAFEF
;
_entity_poly.pdbx_strand_id   A
#
loop_
_chem_comp.id
_chem_comp.type
_chem_comp.name
_chem_comp.formula
DMS non-polymer 'DIMETHYL SULFOXIDE' 'C2 H6 O S'
GOL non-polymer GLYCEROL 'C3 H8 O3'
PEG non-polymer DI(HYDROXYETHYL)ETHER 'C4 H10 O3'
VFX non-polymer 1-[(1R)-2-(dimethylamino)-1-(4-methoxyphenyl)ethyl]cyclohexan-1-ol 'C17 H27 N O2'
#
# COMPACT_ATOMS: atom_id res chain seq x y z
N VAL A 23 1.69 -31.32 14.64
CA VAL A 23 1.65 -29.86 14.27
C VAL A 23 0.99 -29.06 15.41
N THR A 24 1.77 -28.21 16.09
CA THR A 24 1.28 -27.23 17.09
C THR A 24 1.57 -25.82 16.58
N LEU A 25 0.80 -24.83 17.04
CA LEU A 25 0.92 -23.40 16.65
C LEU A 25 1.32 -22.57 17.87
N CYS A 26 2.41 -21.80 17.82
CA CYS A 26 3.03 -21.14 18.99
C CYS A 26 3.64 -19.81 18.56
N SER A 27 3.83 -18.90 19.49
CA SER A 27 4.76 -17.76 19.36
C SER A 27 6.18 -18.28 19.28
N PRO A 28 7.00 -17.88 18.31
CA PRO A 28 8.36 -18.39 18.25
C PRO A 28 9.24 -17.88 19.42
N THR A 29 10.17 -18.72 19.89
CA THR A 29 11.27 -18.33 20.80
C THR A 29 12.45 -17.91 19.94
N GLU A 30 13.48 -17.34 20.53
CA GLU A 30 14.69 -16.92 19.79
C GLU A 30 15.21 -18.12 18.96
N ASP A 31 15.12 -19.34 19.51
CA ASP A 31 15.64 -20.62 18.93
C ASP A 31 14.93 -20.96 17.62
N ASP A 32 13.70 -20.48 17.42
CA ASP A 32 12.88 -20.78 16.23
C ASP A 32 13.34 -19.94 15.03
N TRP A 33 14.07 -18.86 15.26
CA TRP A 33 14.29 -17.85 14.19
C TRP A 33 15.18 -18.43 13.09
N PRO A 34 16.24 -19.23 13.33
CA PRO A 34 16.99 -19.85 12.22
C PRO A 34 16.13 -20.76 11.31
N GLY A 35 15.25 -21.57 11.89
CA GLY A 35 14.25 -22.39 11.16
C GLY A 35 13.31 -21.51 10.34
N MET A 36 12.99 -20.31 10.86
CA MET A 36 12.10 -19.36 10.14
C MET A 36 12.86 -18.74 8.96
N PHE A 37 14.12 -18.38 9.16
CA PHE A 37 15.00 -17.81 8.11
C PHE A 37 15.25 -18.84 7.00
N LEU A 38 15.40 -20.12 7.36
CA LEU A 38 15.51 -21.21 6.36
C LEU A 38 14.23 -21.29 5.53
N LEU A 39 13.07 -21.41 6.18
CA LEU A 39 11.76 -21.40 5.46
C LEU A 39 11.63 -20.15 4.56
N ALA A 40 12.11 -18.99 5.04
CA ALA A 40 12.01 -17.70 4.32
C ALA A 40 12.82 -17.75 3.01
N ALA A 41 14.11 -18.07 3.15
CA ALA A 41 15.08 -18.27 2.04
C ALA A 41 14.46 -19.21 0.96
N ALA A 42 13.81 -20.28 1.39
CA ALA A 42 13.25 -21.29 0.48
C ALA A 42 11.93 -20.81 -0.08
N SER A 43 11.27 -19.82 0.53
CA SER A 43 9.92 -19.42 0.12
C SER A 43 9.92 -18.12 -0.71
N PHE A 44 10.89 -17.23 -0.46
CA PHE A 44 10.92 -15.84 -0.99
C PHE A 44 12.23 -15.58 -1.73
N THR A 45 12.16 -15.43 -3.06
CA THR A 45 13.36 -15.18 -3.91
C THR A 45 13.86 -13.78 -3.60
N ASP A 46 12.98 -12.86 -3.22
CA ASP A 46 13.33 -11.46 -2.85
C ASP A 46 13.97 -11.43 -1.45
N PHE A 47 14.16 -12.56 -0.77
CA PHE A 47 14.66 -12.58 0.63
C PHE A 47 16.11 -12.13 0.64
N ILE A 48 16.38 -10.92 1.16
CA ILE A 48 17.72 -10.27 1.21
C ILE A 48 18.62 -11.13 2.13
N GLY A 49 18.15 -11.49 3.34
CA GLY A 49 18.87 -12.42 4.24
C GLY A 49 18.62 -12.09 5.70
N PRO A 50 19.17 -12.88 6.68
CA PRO A 50 18.86 -12.67 8.11
C PRO A 50 19.09 -11.24 8.63
N GLU A 51 20.20 -10.60 8.24
CA GLU A 51 20.52 -9.26 8.80
C GLU A 51 19.43 -8.25 8.41
N SER A 52 18.99 -8.28 7.15
CA SER A 52 17.91 -7.37 6.69
C SER A 52 16.60 -7.69 7.41
N ALA A 53 16.28 -8.98 7.57
CA ALA A 53 15.01 -9.39 8.20
C ALA A 53 15.03 -9.02 9.69
N THR A 54 16.23 -8.92 10.28
CA THR A 54 16.38 -8.60 11.71
C THR A 54 16.04 -7.11 11.91
N ALA A 55 16.19 -6.28 10.89
CA ALA A 55 15.77 -4.87 11.00
C ALA A 55 14.24 -4.75 10.88
N TRP A 56 13.61 -5.60 10.05
CA TRP A 56 12.13 -5.60 9.96
C TRP A 56 11.54 -6.21 11.24
N ARG A 57 12.32 -7.04 11.94
CA ARG A 57 11.84 -7.72 13.18
C ARG A 57 11.52 -6.67 14.25
N THR A 58 12.23 -5.53 14.25
CA THR A 58 12.02 -4.48 15.27
C THR A 58 10.56 -4.01 15.24
N LEU A 59 9.95 -3.97 14.05
CA LEU A 59 8.55 -3.50 13.90
C LEU A 59 7.55 -4.57 14.36
N VAL A 60 8.01 -5.78 14.65
CA VAL A 60 7.09 -6.88 15.04
C VAL A 60 6.93 -6.84 16.57
N PRO A 61 5.69 -6.65 17.09
CA PRO A 61 5.50 -6.63 18.53
C PRO A 61 5.70 -8.02 19.14
N THR A 62 6.00 -8.07 20.43
CA THR A 62 5.83 -9.31 21.26
C THR A 62 4.51 -9.98 20.88
N ASP A 63 4.48 -11.27 20.67
CA ASP A 63 3.21 -11.96 20.28
C ASP A 63 2.72 -11.52 18.88
N GLY A 64 3.56 -10.86 18.08
CA GLY A 64 3.20 -10.53 16.70
C GLY A 64 3.45 -11.67 15.71
N ALA A 65 4.08 -12.76 16.12
CA ALA A 65 4.51 -13.89 15.24
C ALA A 65 3.94 -15.21 15.70
N VAL A 66 3.58 -16.06 14.76
CA VAL A 66 3.22 -17.50 15.00
C VAL A 66 4.11 -18.38 14.12
N VAL A 67 4.42 -19.59 14.62
CA VAL A 67 5.12 -20.67 13.87
C VAL A 67 4.31 -21.93 14.05
N VAL A 68 4.36 -22.79 13.05
CA VAL A 68 3.89 -24.20 13.19
C VAL A 68 5.14 -25.09 13.16
N ARG A 69 5.33 -25.90 14.20
CA ARG A 69 6.43 -26.90 14.27
C ARG A 69 5.84 -28.26 13.95
N ASP A 70 6.64 -29.14 13.39
CA ASP A 70 6.21 -30.54 13.13
C ASP A 70 6.88 -31.42 14.18
N GLY A 71 6.14 -31.81 15.23
N SER A 76 11.56 -29.50 17.17
CA SER A 76 11.06 -29.91 15.83
C SER A 76 11.52 -28.90 14.77
N GLU A 77 11.04 -29.03 13.53
CA GLU A 77 11.32 -28.05 12.44
C GLU A 77 10.12 -27.14 12.12
N VAL A 78 10.43 -25.92 11.64
CA VAL A 78 9.44 -24.87 11.27
C VAL A 78 8.87 -25.18 9.89
N VAL A 79 7.56 -25.44 9.82
CA VAL A 79 6.82 -25.80 8.57
C VAL A 79 5.80 -24.70 8.19
N GLY A 80 5.57 -23.75 9.08
CA GLY A 80 4.69 -22.61 8.79
C GLY A 80 5.05 -21.42 9.65
N MET A 81 4.87 -20.22 9.11
CA MET A 81 5.04 -18.99 9.91
C MET A 81 4.20 -17.85 9.32
N ALA A 82 3.95 -16.86 10.16
CA ALA A 82 3.20 -15.62 9.83
C ALA A 82 3.42 -14.62 10.94
N LEU A 83 3.52 -13.34 10.60
CA LEU A 83 3.65 -12.28 11.61
C LEU A 83 2.95 -11.03 11.14
N TYR A 84 2.82 -10.07 12.05
CA TYR A 84 2.37 -8.71 11.65
C TYR A 84 3.33 -7.73 12.28
N MET A 85 3.43 -6.59 11.65
CA MET A 85 4.22 -5.43 12.10
C MET A 85 3.27 -4.31 12.50
N ASP A 86 3.72 -3.51 13.44
CA ASP A 86 3.01 -2.28 13.87
C ASP A 86 3.25 -1.17 12.83
N LEU A 87 2.20 -0.78 12.09
CA LEU A 87 2.26 0.30 11.09
C LEU A 87 1.26 1.42 11.44
N ARG A 88 1.41 2.56 10.76
CA ARG A 88 0.54 3.75 10.81
C ARG A 88 0.17 4.06 9.36
N LEU A 89 -1.10 3.95 9.06
CA LEU A 89 -1.68 4.07 7.70
C LEU A 89 -2.57 5.31 7.63
N THR A 90 -2.32 6.14 6.63
CA THR A 90 -3.12 7.36 6.42
C THR A 90 -4.33 6.95 5.61
N VAL A 91 -5.50 7.40 6.02
CA VAL A 91 -6.80 7.13 5.33
C VAL A 91 -7.40 8.49 4.96
N PRO A 92 -8.43 8.53 4.09
CA PRO A 92 -9.01 9.79 3.66
C PRO A 92 -9.44 10.65 4.87
N GLY A 93 -9.18 11.95 4.78
CA GLY A 93 -9.34 12.93 5.86
C GLY A 93 -8.03 13.15 6.58
N GLU A 94 -6.93 12.60 6.09
CA GLU A 94 -5.62 12.74 6.77
C GLU A 94 -5.66 12.12 8.16
N VAL A 95 -6.45 11.07 8.31
CA VAL A 95 -6.56 10.35 9.60
C VAL A 95 -5.52 9.24 9.55
N VAL A 96 -4.78 9.05 10.61
CA VAL A 96 -3.76 7.97 10.72
C VAL A 96 -4.27 6.86 11.63
N LEU A 97 -4.44 5.64 11.10
CA LEU A 97 -4.82 4.45 11.88
C LEU A 97 -3.65 3.56 12.26
N PRO A 98 -3.62 3.03 13.51
CA PRO A 98 -2.77 1.90 13.82
C PRO A 98 -3.21 0.71 12.93
N THR A 99 -2.25 0.08 12.27
CA THR A 99 -2.49 -0.96 11.24
C THR A 99 -1.56 -2.13 11.52
N ALA A 100 -2.10 -3.33 11.55
CA ALA A 100 -1.32 -4.57 11.61
C ALA A 100 -0.94 -4.98 10.19
N GLY A 101 0.34 -4.91 9.88
CA GLY A 101 0.89 -5.29 8.54
C GLY A 101 1.32 -6.73 8.50
N LEU A 102 0.47 -7.63 7.99
CA LEU A 102 0.81 -9.07 7.87
C LEU A 102 1.91 -9.23 6.83
N SER A 103 2.86 -10.12 7.10
CA SER A 103 4.02 -10.37 6.22
C SER A 103 4.71 -11.66 6.66
N PHE A 104 5.77 -12.03 5.94
CA PHE A 104 6.63 -13.19 6.25
C PHE A 104 5.78 -14.45 6.41
N VAL A 105 4.73 -14.57 5.61
CA VAL A 105 3.77 -15.69 5.65
C VAL A 105 4.27 -16.81 4.71
N ALA A 106 4.52 -18.03 5.23
CA ALA A 106 5.02 -19.15 4.41
C ALA A 106 4.56 -20.47 5.04
N VAL A 107 4.19 -21.38 4.16
CA VAL A 107 3.99 -22.83 4.48
C VAL A 107 5.05 -23.62 3.70
N ALA A 108 5.75 -24.52 4.38
CA ALA A 108 6.73 -25.43 3.76
C ALA A 108 6.09 -26.19 2.60
N PRO A 109 6.86 -26.45 1.52
CA PRO A 109 6.34 -27.14 0.34
C PRO A 109 5.99 -28.58 0.69
N THR A 110 6.49 -29.06 1.84
CA THR A 110 6.23 -30.39 2.42
C THR A 110 4.89 -30.46 3.14
N HIS A 111 4.27 -29.33 3.48
CA HIS A 111 3.04 -29.35 4.31
C HIS A 111 1.90 -28.55 3.67
N ARG A 112 1.78 -28.62 2.35
CA ARG A 112 0.67 -27.92 1.64
C ARG A 112 -0.67 -28.63 1.89
N ARG A 113 -1.78 -27.90 1.82
CA ARG A 113 -3.14 -28.49 1.95
C ARG A 113 -3.36 -29.16 3.31
N ARG A 114 -2.73 -28.63 4.38
CA ARG A 114 -2.95 -29.17 5.74
C ARG A 114 -3.67 -28.12 6.60
N GLY A 115 -4.15 -27.03 5.99
CA GLY A 115 -4.88 -25.99 6.73
C GLY A 115 -3.96 -25.09 7.55
N LEU A 116 -2.66 -25.11 7.28
CA LEU A 116 -1.69 -24.33 8.10
C LEU A 116 -1.95 -22.82 7.95
N LEU A 117 -2.10 -22.35 6.71
CA LEU A 117 -2.39 -20.91 6.45
C LEU A 117 -3.67 -20.50 7.22
N ARG A 118 -4.75 -21.27 7.12
CA ARG A 118 -6.06 -20.93 7.71
C ARG A 118 -5.86 -20.80 9.23
N ALA A 119 -5.19 -21.76 9.86
CA ALA A 119 -4.95 -21.80 11.30
C ALA A 119 -4.07 -20.61 11.72
N MET A 120 -3.00 -20.32 10.98
CA MET A 120 -2.11 -19.17 11.29
C MET A 120 -2.83 -17.82 11.13
N CYS A 121 -3.62 -17.61 10.06
CA CYS A 121 -4.37 -16.35 9.83
C CYS A 121 -5.44 -16.17 10.93
N ALA A 122 -6.12 -17.23 11.36
CA ALA A 122 -7.17 -17.16 12.41
C ALA A 122 -6.52 -16.73 13.73
N GLU A 123 -5.35 -17.25 14.04
CA GLU A 123 -4.69 -16.95 15.33
C GLU A 123 -4.19 -15.50 15.29
N LEU A 124 -3.55 -15.08 14.22
CA LEU A 124 -3.02 -13.68 14.18
C LEU A 124 -4.20 -12.72 14.18
N HIS A 125 -5.28 -13.04 13.47
CA HIS A 125 -6.47 -12.13 13.41
C HIS A 125 -7.10 -11.95 14.81
N ARG A 126 -7.12 -13.01 15.60
N ARG A 126 -7.13 -13.01 15.60
CA ARG A 126 -7.62 -13.04 17.00
CA ARG A 126 -7.65 -12.98 17.00
C ARG A 126 -6.76 -12.06 17.81
C ARG A 126 -6.76 -12.01 17.79
N ARG A 127 -5.44 -12.19 17.71
CA ARG A 127 -4.48 -11.33 18.45
C ARG A 127 -4.61 -9.89 17.97
N ILE A 128 -4.76 -9.68 16.66
CA ILE A 128 -4.80 -8.32 16.07
C ILE A 128 -6.07 -7.63 16.60
N ALA A 129 -7.21 -8.31 16.52
CA ALA A 129 -8.53 -7.78 16.97
C ALA A 129 -8.47 -7.49 18.48
N ASP A 130 -7.96 -8.43 19.27
CA ASP A 130 -7.87 -8.29 20.75
C ASP A 130 -6.91 -7.17 21.13
N SER A 131 -5.94 -6.87 20.27
CA SER A 131 -4.93 -5.83 20.57
C SER A 131 -5.51 -4.43 20.31
N GLY A 132 -6.63 -4.32 19.60
CA GLY A 132 -7.30 -3.04 19.32
C GLY A 132 -6.99 -2.41 17.96
N TYR A 133 -6.45 -3.16 17.00
CA TYR A 133 -6.17 -2.63 15.63
C TYR A 133 -7.51 -2.55 14.90
N PRO A 134 -7.89 -1.39 14.33
CA PRO A 134 -9.11 -1.33 13.53
C PRO A 134 -8.98 -1.95 12.14
N VAL A 135 -7.75 -2.07 11.64
CA VAL A 135 -7.43 -2.50 10.25
C VAL A 135 -6.17 -3.39 10.25
N ALA A 136 -6.16 -4.39 9.36
CA ALA A 136 -4.95 -5.15 8.96
C ALA A 136 -4.70 -4.89 7.49
N ALA A 137 -3.44 -5.04 7.09
CA ALA A 137 -3.04 -4.84 5.68
C ALA A 137 -1.90 -5.81 5.31
N LEU A 138 -1.83 -6.07 4.00
CA LEU A 138 -0.76 -6.89 3.40
C LEU A 138 -0.57 -6.54 1.90
N HIS A 139 0.58 -6.96 1.39
CA HIS A 139 0.96 -7.08 -0.05
C HIS A 139 0.87 -8.55 -0.42
N ALA A 140 0.10 -8.88 -1.46
CA ALA A 140 -0.26 -10.26 -1.81
C ALA A 140 0.73 -10.79 -2.85
N SER A 141 1.26 -11.98 -2.62
CA SER A 141 2.15 -12.67 -3.60
C SER A 141 1.31 -13.28 -4.73
N GLU A 142 0.06 -13.67 -4.49
CA GLU A 142 -0.89 -14.02 -5.57
C GLU A 142 -2.23 -13.34 -5.28
N GLY A 143 -3.08 -13.11 -6.29
CA GLY A 143 -4.37 -12.43 -6.13
C GLY A 143 -5.49 -13.34 -5.62
N GLY A 144 -5.29 -14.67 -5.55
CA GLY A 144 -6.41 -15.63 -5.28
C GLY A 144 -6.52 -16.09 -3.82
N ILE A 145 -5.60 -15.68 -2.97
CA ILE A 145 -5.43 -16.26 -1.62
C ILE A 145 -6.28 -15.49 -0.58
N TYR A 146 -6.21 -14.15 -0.56
CA TYR A 146 -6.46 -13.34 0.68
C TYR A 146 -7.93 -12.91 0.74
N GLY A 147 -8.68 -12.91 -0.35
CA GLY A 147 -10.11 -12.56 -0.34
C GLY A 147 -10.91 -13.37 0.70
N ARG A 148 -10.61 -14.65 0.81
CA ARG A 148 -11.39 -15.57 1.66
C ARG A 148 -11.08 -15.31 3.15
N PHE A 149 -9.99 -14.62 3.50
CA PHE A 149 -9.66 -14.21 4.89
C PHE A 149 -10.10 -12.78 5.17
N GLY A 150 -10.85 -12.15 4.25
CA GLY A 150 -11.48 -10.83 4.42
C GLY A 150 -10.67 -9.63 3.93
N TYR A 151 -9.54 -9.86 3.24
CA TYR A 151 -8.70 -8.83 2.62
C TYR A 151 -9.20 -8.48 1.21
N GLY A 152 -9.37 -7.20 0.97
CA GLY A 152 -9.72 -6.65 -0.35
C GLY A 152 -8.62 -5.76 -0.87
N PRO A 153 -8.32 -5.81 -2.18
CA PRO A 153 -7.34 -4.92 -2.77
C PRO A 153 -7.83 -3.48 -2.65
N ALA A 154 -7.01 -2.59 -2.11
CA ALA A 154 -7.42 -1.25 -1.66
C ALA A 154 -6.63 -0.14 -2.41
N THR A 155 -5.45 -0.44 -2.98
CA THR A 155 -4.66 0.47 -3.86
C THR A 155 -4.30 -0.22 -5.16
N THR A 156 -4.02 0.56 -6.20
CA THR A 156 -3.67 0.11 -7.56
C THR A 156 -2.31 0.67 -7.95
N LEU A 157 -1.37 -0.24 -8.18
CA LEU A 157 -0.06 0.05 -8.79
C LEU A 157 -0.24 0.18 -10.30
N HIS A 158 0.35 1.21 -10.86
CA HIS A 158 0.29 1.54 -12.29
C HIS A 158 1.72 1.85 -12.73
N GLU A 159 2.33 1.00 -13.52
CA GLU A 159 3.63 1.33 -14.12
C GLU A 159 3.43 2.19 -15.36
N LEU A 160 4.06 3.34 -15.37
CA LEU A 160 4.21 4.23 -16.55
C LEU A 160 5.65 4.13 -17.05
N THR A 161 5.78 3.92 -18.35
CA THR A 161 7.08 3.96 -19.06
C THR A 161 6.97 5.12 -20.05
N VAL A 162 7.87 6.10 -19.93
CA VAL A 162 7.95 7.27 -20.84
C VAL A 162 9.08 7.06 -21.84
N ASP A 163 8.80 7.14 -23.16
CA ASP A 163 9.88 7.26 -24.18
C ASP A 163 10.36 8.70 -24.16
N ARG A 164 11.37 8.98 -23.34
CA ARG A 164 11.80 10.35 -23.03
C ARG A 164 12.44 11.03 -24.23
N ARG A 165 12.79 10.30 -25.28
CA ARG A 165 13.34 10.95 -26.51
C ARG A 165 12.27 11.79 -27.22
N PHE A 166 11.00 11.49 -27.08
CA PHE A 166 9.92 12.26 -27.75
C PHE A 166 9.24 13.25 -26.80
N ALA A 167 9.50 13.17 -25.50
CA ALA A 167 8.71 13.85 -24.46
C ALA A 167 9.03 15.35 -24.50
N ARG A 168 8.00 16.16 -24.71
CA ARG A 168 8.07 17.63 -24.61
C ARG A 168 7.00 18.06 -23.60
N PHE A 169 7.34 19.01 -22.73
CA PHE A 169 6.40 19.58 -21.75
C PHE A 169 5.43 20.54 -22.42
N HIS A 170 4.16 20.46 -22.01
CA HIS A 170 3.06 21.34 -22.44
C HIS A 170 3.42 22.76 -22.01
N ALA A 171 3.01 23.74 -22.83
CA ALA A 171 3.10 25.18 -22.50
C ALA A 171 2.54 25.46 -21.09
N ASP A 172 1.45 24.80 -20.65
CA ASP A 172 0.86 25.05 -19.31
C ASP A 172 1.73 24.45 -18.18
N ALA A 173 2.64 23.51 -18.43
CA ALA A 173 3.27 22.75 -17.31
C ALA A 173 4.08 23.72 -16.46
N PRO A 174 4.01 23.65 -15.12
CA PRO A 174 4.83 24.52 -14.27
C PRO A 174 6.35 24.40 -14.52
N GLY A 175 7.10 25.46 -14.19
CA GLY A 175 8.58 25.45 -14.08
C GLY A 175 9.27 25.42 -15.44
N GLY A 176 8.73 26.14 -16.44
CA GLY A 176 9.34 26.29 -17.78
C GLY A 176 10.43 27.35 -17.77
N GLY A 177 10.28 28.39 -16.94
N GLY A 180 17.06 29.25 -13.16
CA GLY A 180 17.74 28.17 -12.42
C GLY A 180 16.80 27.01 -12.15
N SER A 181 17.32 25.77 -12.07
CA SER A 181 16.52 24.62 -11.57
C SER A 181 16.55 24.66 -10.04
N SER A 182 15.41 24.39 -9.44
CA SER A 182 15.21 24.13 -7.99
C SER A 182 15.61 22.67 -7.64
N VAL A 183 15.91 21.83 -8.63
CA VAL A 183 16.25 20.37 -8.45
C VAL A 183 17.77 20.16 -8.49
N ARG A 184 18.29 19.35 -7.59
CA ARG A 184 19.72 18.95 -7.54
C ARG A 184 19.87 17.44 -7.67
N LEU A 185 20.85 17.01 -8.44
CA LEU A 185 21.26 15.61 -8.55
C LEU A 185 22.20 15.33 -7.38
N VAL A 186 21.87 14.37 -6.51
CA VAL A 186 22.64 14.14 -5.27
C VAL A 186 22.79 12.65 -5.02
N ARG A 187 23.73 12.32 -4.12
CA ARG A 187 23.90 10.98 -3.54
C ARG A 187 22.88 10.85 -2.41
N PRO A 188 22.01 9.82 -2.46
CA PRO A 188 20.99 9.65 -1.45
C PRO A 188 21.54 9.66 0.00
N THR A 189 22.63 8.96 0.28
CA THR A 189 23.15 8.78 1.67
C THR A 189 23.56 10.13 2.23
N GLU A 190 23.89 11.12 1.41
CA GLU A 190 24.39 12.42 1.90
C GLU A 190 23.22 13.36 2.24
N HIS A 191 21.97 12.97 2.02
CA HIS A 191 20.81 13.89 2.19
C HIS A 191 19.66 13.19 2.92
N ARG A 192 19.98 12.30 3.87
CA ARG A 192 19.01 11.40 4.53
C ARG A 192 17.92 12.23 5.22
N GLY A 193 18.34 13.19 6.06
CA GLY A 193 17.49 14.17 6.74
C GLY A 193 16.46 14.80 5.81
N GLU A 194 16.85 15.25 4.64
CA GLU A 194 15.90 15.95 3.75
C GLU A 194 14.88 14.95 3.20
N PHE A 195 15.30 13.73 2.86
CA PHE A 195 14.38 12.69 2.33
C PHE A 195 13.34 12.33 3.41
N GLU A 196 13.82 12.13 4.64
CA GLU A 196 13.01 11.76 5.84
C GLU A 196 11.92 12.82 6.01
N ALA A 197 12.30 14.09 6.00
CA ALA A 197 11.37 15.22 6.22
C ALA A 197 10.36 15.30 5.08
N ILE A 198 10.79 15.18 3.83
CA ILE A 198 9.81 15.30 2.70
C ILE A 198 8.83 14.11 2.80
N TYR A 199 9.33 12.91 3.05
CA TYR A 199 8.45 11.71 3.08
C TYR A 199 7.45 11.85 4.23
N GLU A 200 7.89 12.37 5.38
CA GLU A 200 7.00 12.52 6.55
C GLU A 200 5.81 13.41 6.16
N ARG A 201 6.08 14.52 5.46
CA ARG A 201 4.98 15.42 5.00
C ARG A 201 4.08 14.69 4.02
N TRP A 202 4.66 13.92 3.09
CA TRP A 202 3.86 13.24 2.04
C TRP A 202 2.98 12.15 2.66
N ARG A 203 3.51 11.34 3.58
CA ARG A 203 2.74 10.19 4.12
C ARG A 203 1.50 10.67 4.88
N GLN A 204 1.61 11.79 5.60
CA GLN A 204 0.48 12.31 6.42
C GLN A 204 -0.62 12.89 5.52
N GLN A 205 -0.28 13.38 4.33
CA GLN A 205 -1.30 14.05 3.48
C GLN A 205 -1.85 13.11 2.40
N VAL A 206 -1.34 11.87 2.30
CA VAL A 206 -1.78 11.00 1.17
C VAL A 206 -2.45 9.71 1.65
N PRO A 207 -3.71 9.36 1.28
CA PRO A 207 -4.29 8.07 1.64
C PRO A 207 -3.36 6.97 1.12
N GLY A 208 -3.10 5.94 1.93
CA GLY A 208 -2.13 4.90 1.58
C GLY A 208 -0.79 5.16 2.21
N GLY A 209 -0.54 6.38 2.68
CA GLY A 209 0.77 6.69 3.27
C GLY A 209 1.06 5.83 4.48
N LEU A 210 2.32 5.45 4.67
CA LEU A 210 2.72 4.66 5.87
C LEU A 210 3.87 5.40 6.55
N LEU A 211 3.88 5.42 7.89
CA LEU A 211 5.05 6.01 8.59
C LEU A 211 6.25 5.14 8.23
N ARG A 212 7.39 5.76 7.89
CA ARG A 212 8.59 4.93 7.64
C ARG A 212 9.51 5.04 8.86
N PRO A 213 9.68 3.95 9.64
CA PRO A 213 10.57 3.95 10.79
C PRO A 213 12.03 4.07 10.35
N GLN A 214 12.88 4.57 11.24
CA GLN A 214 14.30 4.82 10.90
C GLN A 214 15.04 3.54 10.45
N VAL A 215 14.68 2.37 10.99
CA VAL A 215 15.32 1.11 10.50
C VAL A 215 15.02 0.93 9.01
N LEU A 216 13.87 1.41 8.54
CA LEU A 216 13.48 1.24 7.11
C LEU A 216 14.21 2.29 6.26
N TRP A 217 14.56 3.46 6.80
CA TRP A 217 15.49 4.40 6.11
C TRP A 217 16.90 3.79 6.05
N ASP A 218 17.37 3.14 7.12
CA ASP A 218 18.66 2.38 7.10
C ASP A 218 18.65 1.38 5.92
N GLU A 219 17.59 0.60 5.81
CA GLU A 219 17.48 -0.46 4.78
C GLU A 219 17.46 0.20 3.41
N LEU A 220 16.63 1.22 3.22
CA LEU A 220 16.45 1.89 1.90
C LEU A 220 17.82 2.41 1.44
N LEU A 221 18.58 3.07 2.32
CA LEU A 221 19.84 3.72 1.91
C LEU A 221 20.94 2.67 1.67
N ALA A 222 20.84 1.49 2.28
CA ALA A 222 21.76 0.35 2.03
C ALA A 222 21.50 -0.24 0.62
N GLU A 223 20.22 -0.29 0.21
CA GLU A 223 19.86 -0.84 -1.13
C GLU A 223 20.26 0.17 -2.21
N ALA A 224 20.46 1.43 -1.84
CA ALA A 224 20.89 2.47 -2.81
C ALA A 224 22.28 2.10 -3.35
N LYS A 225 23.13 1.52 -2.50
CA LYS A 225 24.52 1.16 -2.90
C LYS A 225 24.50 0.12 -4.02
N ALA A 226 25.45 0.19 -4.95
CA ALA A 226 25.56 -0.80 -6.04
C ALA A 226 26.05 -2.15 -5.50
N ALA A 227 25.72 -3.25 -6.18
CA ALA A 227 26.16 -4.60 -5.76
C ALA A 227 26.92 -5.26 -6.91
N PRO A 228 28.09 -5.89 -6.68
CA PRO A 228 28.78 -6.65 -7.75
C PRO A 228 27.87 -7.76 -8.29
N GLY A 229 27.59 -7.73 -9.59
CA GLY A 229 26.62 -8.65 -10.25
C GLY A 229 25.18 -8.36 -9.87
N GLY A 230 24.96 -7.22 -9.20
CA GLY A 230 23.65 -6.84 -8.65
C GLY A 230 23.15 -5.53 -9.25
N ASP A 231 22.39 -4.77 -8.46
CA ASP A 231 21.82 -3.46 -8.85
C ASP A 231 22.94 -2.43 -9.08
N ARG A 232 22.64 -1.47 -9.95
CA ARG A 232 23.58 -0.37 -10.17
C ARG A 232 23.30 0.68 -9.09
N GLU A 233 24.19 1.63 -8.90
CA GLU A 233 24.06 2.70 -7.89
C GLU A 233 22.78 3.49 -8.13
N SER A 234 22.12 3.91 -7.06
CA SER A 234 20.92 4.80 -7.10
C SER A 234 21.37 6.25 -6.98
N PHE A 235 20.70 7.13 -7.71
CA PHE A 235 20.89 8.59 -7.58
C PHE A 235 19.57 9.17 -7.11
N ALA A 236 19.61 10.40 -6.60
CA ALA A 236 18.41 11.14 -6.20
C ALA A 236 18.38 12.46 -6.95
N LEU A 237 17.15 12.89 -7.25
CA LEU A 237 16.81 14.27 -7.63
C LEU A 237 16.05 14.88 -6.45
N LEU A 238 16.58 15.97 -5.89
CA LEU A 238 16.10 16.60 -4.63
C LEU A 238 15.62 18.03 -4.90
N HIS A 239 14.36 18.27 -4.57
CA HIS A 239 13.63 19.57 -4.63
C HIS A 239 13.27 19.89 -3.18
N PRO A 240 13.10 21.18 -2.79
CA PRO A 240 12.62 21.47 -1.42
C PRO A 240 11.35 20.69 -1.00
N ASP A 241 10.44 20.40 -1.96
CA ASP A 241 9.11 19.78 -1.71
C ASP A 241 8.93 18.42 -2.43
N GLY A 242 10.02 17.72 -2.74
CA GLY A 242 9.93 16.37 -3.31
C GLY A 242 11.29 15.74 -3.60
N TYR A 243 11.30 14.42 -3.80
CA TYR A 243 12.56 13.74 -4.19
C TYR A 243 12.22 12.56 -5.09
N ALA A 244 13.13 12.22 -6.00
CA ALA A 244 12.95 11.02 -6.84
C ALA A 244 14.19 10.13 -6.67
N LEU A 245 13.99 8.85 -6.38
CA LEU A 245 15.15 7.91 -6.29
C LEU A 245 15.11 7.04 -7.53
N TYR A 246 16.22 6.96 -8.28
CA TYR A 246 16.21 6.20 -9.56
C TYR A 246 17.53 5.46 -9.74
N ARG A 247 17.52 4.41 -10.57
CA ARG A 247 18.77 3.67 -10.89
C ARG A 247 18.63 3.09 -12.31
N VAL A 248 19.73 3.01 -13.06
CA VAL A 248 19.69 2.38 -14.41
C VAL A 248 19.42 0.89 -14.23
N ASP A 249 18.62 0.30 -15.13
CA ASP A 249 18.30 -1.14 -15.04
C ASP A 249 19.59 -1.95 -15.22
N ARG A 250 19.71 -3.08 -14.52
CA ARG A 250 20.94 -3.91 -14.57
C ARG A 250 21.16 -4.42 -16.00
N THR A 251 20.11 -4.90 -16.68
CA THR A 251 20.27 -5.49 -18.03
C THR A 251 20.00 -4.47 -19.13
N ASP A 252 18.97 -3.63 -18.96
CA ASP A 252 18.61 -2.62 -19.98
C ASP A 252 19.31 -1.31 -19.61
N LEU A 253 20.40 -0.99 -20.31
CA LEU A 253 21.20 0.21 -19.90
C LEU A 253 20.58 1.51 -20.45
N LYS A 254 19.50 1.44 -21.22
CA LYS A 254 18.81 2.64 -21.73
C LYS A 254 17.49 2.86 -20.95
N LEU A 255 17.27 2.10 -19.88
CA LEU A 255 16.06 2.20 -19.01
C LEU A 255 16.46 2.69 -17.62
N ALA A 256 15.90 3.80 -17.15
CA ALA A 256 16.05 4.22 -15.73
C ALA A 256 14.76 3.87 -14.98
N ARG A 257 14.90 3.21 -13.86
CA ARG A 257 13.75 2.84 -13.02
C ARG A 257 13.67 3.80 -11.84
N VAL A 258 12.58 4.51 -11.75
CA VAL A 258 12.29 5.37 -10.56
C VAL A 258 11.74 4.48 -9.46
N SER A 259 12.49 4.26 -8.38
CA SER A 259 12.02 3.36 -7.29
C SER A 259 10.99 4.08 -6.42
N GLU A 260 10.99 5.40 -6.39
CA GLU A 260 10.20 6.20 -5.44
C GLU A 260 10.27 7.66 -5.87
N LEU A 261 9.12 8.28 -6.07
CA LEU A 261 8.99 9.73 -6.27
C LEU A 261 7.95 10.23 -5.25
N ARG A 262 8.38 11.06 -4.31
CA ARG A 262 7.48 11.65 -3.28
C ARG A 262 7.46 13.15 -3.49
N ALA A 263 6.33 13.70 -3.90
CA ALA A 263 6.14 15.13 -4.19
C ALA A 263 4.97 15.65 -3.35
N VAL A 264 5.25 16.69 -2.59
CA VAL A 264 4.30 17.33 -1.65
C VAL A 264 3.51 18.40 -2.40
N THR A 265 4.00 18.96 -3.51
CA THR A 265 3.33 20.02 -4.31
C THR A 265 3.37 19.63 -5.79
N ALA A 266 2.49 20.21 -6.62
CA ALA A 266 2.47 19.97 -8.10
C ALA A 266 3.76 20.51 -8.74
N ASP A 267 4.23 21.63 -8.22
CA ASP A 267 5.48 22.26 -8.70
C ASP A 267 6.61 21.24 -8.51
N ALA A 268 6.70 20.60 -7.35
CA ALA A 268 7.80 19.64 -7.04
C ALA A 268 7.71 18.45 -8.02
N HIS A 269 6.50 17.94 -8.25
CA HIS A 269 6.21 16.82 -9.18
C HIS A 269 6.66 17.19 -10.59
N CYS A 270 6.27 18.37 -11.09
CA CYS A 270 6.64 18.78 -12.46
C CYS A 270 8.17 18.97 -12.54
N ALA A 271 8.80 19.62 -11.56
CA ALA A 271 10.25 19.94 -11.59
C ALA A 271 11.03 18.63 -11.63
N LEU A 272 10.59 17.64 -10.85
CA LEU A 272 11.29 16.33 -10.78
C LEU A 272 11.15 15.62 -12.13
N TRP A 273 10.02 15.72 -12.81
CA TRP A 273 9.81 15.01 -14.11
C TRP A 273 10.60 15.74 -15.22
N ARG A 274 10.72 17.05 -15.16
CA ARG A 274 11.62 17.82 -16.06
C ARG A 274 13.07 17.30 -15.94
N ALA A 275 13.56 17.08 -14.73
CA ALA A 275 14.92 16.52 -14.50
C ALA A 275 14.99 15.08 -15.01
N LEU A 276 13.98 14.24 -14.76
CA LEU A 276 14.03 12.82 -15.21
C LEU A 276 14.03 12.77 -16.74
N ILE A 277 13.20 13.58 -17.38
CA ILE A 277 13.16 13.64 -18.86
C ILE A 277 14.50 14.20 -19.39
N GLY A 278 15.27 14.93 -18.56
CA GLY A 278 16.63 15.37 -18.92
C GLY A 278 17.70 14.30 -18.75
N LEU A 279 17.37 13.05 -18.45
CA LEU A 279 18.41 11.97 -18.45
C LEU A 279 18.68 11.53 -19.90
N ASP A 280 19.51 12.31 -20.61
CA ASP A 280 19.63 12.28 -22.10
C ASP A 280 20.28 10.97 -22.53
N SER A 281 21.01 10.27 -21.66
CA SER A 281 21.57 8.95 -22.06
C SER A 281 20.51 7.82 -21.96
N MET A 282 19.29 8.06 -21.46
CA MET A 282 18.28 6.99 -21.39
C MET A 282 17.32 7.15 -22.56
N GLU A 283 16.72 6.06 -22.98
CA GLU A 283 15.57 6.02 -23.93
C GLU A 283 14.25 6.08 -23.16
N ARG A 284 14.18 5.39 -22.01
CA ARG A 284 12.93 5.15 -21.29
C ARG A 284 13.16 5.43 -19.81
N ILE A 285 12.16 6.06 -19.18
CA ILE A 285 11.98 6.20 -17.69
C ILE A 285 10.72 5.42 -17.31
N SER A 286 10.83 4.50 -16.35
CA SER A 286 9.66 3.78 -15.81
C SER A 286 9.52 4.12 -14.33
N ILE A 287 8.26 4.11 -13.88
CA ILE A 287 7.90 4.34 -12.46
C ILE A 287 6.67 3.51 -12.13
N ILE A 288 6.63 2.98 -10.91
CA ILE A 288 5.39 2.38 -10.34
C ILE A 288 4.69 3.48 -9.54
N THR A 289 3.58 3.93 -10.08
CA THR A 289 2.80 5.07 -9.57
C THR A 289 1.35 4.63 -9.36
N HIS A 290 0.43 5.59 -9.38
CA HIS A 290 -1.00 5.37 -9.10
C HIS A 290 -1.79 5.83 -10.33
N PRO A 291 -3.07 5.38 -10.50
CA PRO A 291 -3.82 5.68 -11.73
C PRO A 291 -4.07 7.18 -11.97
N GLN A 292 -3.98 8.03 -10.95
CA GLN A 292 -4.28 9.46 -11.10
C GLN A 292 -3.00 10.30 -11.21
N ASP A 293 -1.83 9.69 -11.43
CA ASP A 293 -0.55 10.41 -11.61
C ASP A 293 -0.76 11.42 -12.73
N PRO A 294 -0.53 12.73 -12.50
CA PRO A 294 -0.75 13.75 -13.54
C PRO A 294 0.27 13.79 -14.69
N LEU A 295 1.34 13.01 -14.58
CA LEU A 295 2.46 13.01 -15.54
C LEU A 295 1.98 13.08 -16.98
N PRO A 296 1.07 12.22 -17.45
CA PRO A 296 0.72 12.23 -18.88
C PRO A 296 0.27 13.62 -19.34
N HIS A 297 -0.35 14.40 -18.43
CA HIS A 297 -1.00 15.71 -18.74
C HIS A 297 0.05 16.81 -18.76
N LEU A 298 1.26 16.54 -18.25
CA LEU A 298 2.41 17.47 -18.30
C LEU A 298 3.00 17.50 -19.71
N LEU A 299 2.69 16.54 -20.59
CA LEU A 299 3.34 16.34 -21.91
C LEU A 299 2.40 16.82 -23.01
N THR A 300 2.94 17.22 -24.15
CA THR A 300 2.14 17.58 -25.34
C THR A 300 1.52 16.31 -25.94
N ASP A 301 2.16 15.14 -25.77
CA ASP A 301 1.63 13.82 -26.21
C ASP A 301 1.38 12.93 -24.97
N THR A 302 0.15 12.90 -24.46
CA THR A 302 -0.24 12.13 -23.25
C THR A 302 0.07 10.65 -23.44
N ARG A 303 0.11 10.20 -24.70
CA ARG A 303 0.24 8.77 -25.05
C ARG A 303 1.67 8.29 -24.80
N LEU A 304 2.62 9.22 -24.71
CA LEU A 304 4.04 8.87 -24.44
C LEU A 304 4.20 8.26 -23.05
N ALA A 305 3.28 8.55 -22.12
CA ALA A 305 3.32 7.93 -20.77
C ALA A 305 2.46 6.67 -20.80
N ARG A 306 3.06 5.57 -21.26
CA ARG A 306 2.35 4.30 -21.54
C ARG A 306 2.20 3.55 -20.22
N THR A 307 1.02 2.99 -20.02
CA THR A 307 0.74 2.06 -18.93
C THR A 307 1.23 0.70 -19.38
N THR A 308 2.33 0.22 -18.79
CA THR A 308 2.94 -1.06 -19.21
C THR A 308 2.60 -2.17 -18.23
N TRP A 309 2.20 -1.81 -17.01
CA TRP A 309 1.86 -2.83 -15.98
C TRP A 309 0.77 -2.27 -15.06
N ARG A 310 -0.09 -3.14 -14.52
CA ARG A 310 -1.15 -2.72 -13.57
C ARG A 310 -1.49 -3.89 -12.64
N GLN A 311 -1.41 -3.67 -11.33
CA GLN A 311 -1.65 -4.77 -10.36
C GLN A 311 -2.17 -4.23 -9.03
N ASP A 312 -2.78 -5.08 -8.21
CA ASP A 312 -3.24 -4.67 -6.86
C ASP A 312 -2.00 -4.29 -6.03
N GLY A 313 -2.10 -3.29 -5.16
CA GLY A 313 -0.97 -2.95 -4.29
C GLY A 313 -1.23 -3.32 -2.85
N LEU A 314 -1.87 -2.45 -2.09
CA LEU A 314 -2.12 -2.72 -0.66
C LEU A 314 -3.49 -3.38 -0.47
N TRP A 315 -3.55 -4.47 0.28
CA TRP A 315 -4.84 -5.13 0.60
C TRP A 315 -5.23 -4.75 2.03
N LEU A 316 -6.53 -4.52 2.28
CA LEU A 316 -7.05 -4.18 3.63
C LEU A 316 -8.06 -5.21 4.13
N ARG A 317 -7.94 -5.60 5.40
CA ARG A 317 -9.00 -6.30 6.15
C ARG A 317 -9.45 -5.34 7.26
N ILE A 318 -10.71 -4.91 7.16
CA ILE A 318 -11.37 -4.11 8.23
C ILE A 318 -11.63 -5.08 9.40
N MET A 319 -10.95 -4.87 10.53
CA MET A 319 -11.04 -5.74 11.72
C MET A 319 -12.29 -5.34 12.51
N ASN A 320 -12.52 -4.04 12.65
CA ASN A 320 -13.65 -3.47 13.42
C ASN A 320 -14.40 -2.49 12.50
N VAL A 321 -15.54 -2.91 11.99
CA VAL A 321 -16.34 -2.16 10.97
C VAL A 321 -16.68 -0.77 11.50
N PRO A 322 -17.31 -0.62 12.69
CA PRO A 322 -17.71 0.71 13.17
C PRO A 322 -16.52 1.63 13.44
N ALA A 323 -15.46 1.12 14.04
CA ALA A 323 -14.26 1.94 14.33
C ALA A 323 -13.65 2.42 13.00
N ALA A 324 -13.58 1.56 11.99
CA ALA A 324 -12.96 1.96 10.70
C ALA A 324 -13.86 3.00 10.00
N LEU A 325 -15.15 2.71 9.87
CA LEU A 325 -16.07 3.61 9.11
C LEU A 325 -16.15 5.00 9.79
N GLU A 326 -16.10 5.05 11.12
CA GLU A 326 -16.22 6.32 11.85
C GLU A 326 -14.92 7.10 11.76
N ALA A 327 -13.78 6.42 11.64
CA ALA A 327 -12.44 7.07 11.68
C ALA A 327 -12.13 7.89 10.41
N ARG A 328 -12.54 7.46 9.20
CA ARG A 328 -12.15 8.17 7.97
C ARG A 328 -13.11 9.34 7.73
N GLY A 329 -12.64 10.32 6.95
CA GLY A 329 -13.42 11.40 6.35
C GLY A 329 -14.16 10.96 5.10
N TYR A 330 -15.29 11.59 4.83
CA TYR A 330 -16.13 11.34 3.65
C TYR A 330 -16.26 12.65 2.87
N ALA A 331 -16.71 12.55 1.62
CA ALA A 331 -16.81 13.69 0.68
C ALA A 331 -17.87 14.64 1.24
N HIS A 332 -17.55 15.93 1.38
CA HIS A 332 -18.53 16.98 1.81
C HIS A 332 -19.59 17.23 0.73
N GLU A 333 -19.36 16.84 -0.52
CA GLU A 333 -20.26 17.20 -1.65
C GLU A 333 -21.62 16.50 -1.49
N VAL A 334 -21.64 15.27 -1.02
CA VAL A 334 -22.88 14.45 -0.89
C VAL A 334 -23.67 14.90 0.35
N GLY A 335 -24.99 15.04 0.20
CA GLY A 335 -25.84 15.47 1.32
C GLY A 335 -25.97 14.36 2.33
N GLU A 336 -26.32 14.70 3.55
CA GLU A 336 -26.56 13.72 4.62
C GLU A 336 -27.50 12.62 4.14
N PHE A 337 -27.16 11.38 4.47
CA PHE A 337 -27.99 10.18 4.15
C PHE A 337 -27.70 9.12 5.21
N SER A 338 -28.70 8.25 5.40
CA SER A 338 -28.70 7.13 6.39
C SER A 338 -29.00 5.86 5.62
N THR A 339 -28.36 4.76 5.99
CA THR A 339 -28.66 3.45 5.41
C THR A 339 -28.36 2.40 6.49
N VAL A 340 -28.56 1.13 6.15
CA VAL A 340 -28.26 -0.04 7.01
C VAL A 340 -27.35 -0.93 6.18
N LEU A 341 -26.13 -1.11 6.66
CA LEU A 341 -25.05 -1.92 6.05
C LEU A 341 -24.88 -3.22 6.83
N GLU A 342 -25.00 -4.34 6.13
CA GLU A 342 -24.62 -5.66 6.63
C GLU A 342 -23.30 -6.12 5.97
N VAL A 343 -22.29 -6.38 6.79
CA VAL A 343 -21.07 -7.13 6.41
C VAL A 343 -21.28 -8.61 6.75
N SER A 344 -21.14 -9.51 5.77
CA SER A 344 -21.32 -10.98 5.94
C SER A 344 -20.46 -11.42 7.14
N ASP A 345 -21.09 -11.96 8.19
CA ASP A 345 -20.36 -12.41 9.42
C ASP A 345 -19.50 -11.29 10.02
N GLY A 346 -19.94 -10.04 9.96
CA GLY A 346 -19.16 -8.89 10.48
C GLY A 346 -20.05 -7.83 11.14
N GLY A 347 -21.36 -8.12 11.23
CA GLY A 347 -22.35 -7.26 11.90
C GLY A 347 -23.28 -6.51 10.95
N ARG A 348 -24.32 -5.90 11.51
CA ARG A 348 -25.21 -4.98 10.78
C ARG A 348 -25.24 -3.65 11.50
N PHE A 349 -25.17 -2.55 10.75
CA PHE A 349 -24.95 -1.19 11.27
C PHE A 349 -25.87 -0.19 10.61
N ALA A 350 -26.43 0.71 11.42
CA ALA A 350 -27.04 1.97 10.98
C ALA A 350 -25.88 2.93 10.67
N LEU A 351 -25.75 3.31 9.39
CA LEU A 351 -24.65 4.14 8.88
C LEU A 351 -25.27 5.48 8.46
N LYS A 352 -24.85 6.55 9.09
CA LYS A 352 -25.29 7.92 8.75
C LYS A 352 -24.04 8.71 8.39
N ILE A 353 -24.03 9.25 7.19
CA ILE A 353 -22.90 10.02 6.62
C ILE A 353 -23.37 11.45 6.33
N GLY A 354 -22.72 12.44 6.95
CA GLY A 354 -23.08 13.85 6.73
C GLY A 354 -21.95 14.73 7.15
N ASP A 355 -21.75 15.87 6.45
CA ASP A 355 -20.68 16.85 6.77
C ASP A 355 -19.33 16.16 6.84
N GLY A 356 -19.08 15.20 5.96
CA GLY A 356 -17.77 14.52 5.85
C GLY A 356 -17.51 13.52 6.96
N ARG A 357 -18.47 13.19 7.82
CA ARG A 357 -18.29 12.31 9.02
C ARG A 357 -19.32 11.16 8.96
N ALA A 358 -18.93 9.97 9.43
CA ALA A 358 -19.87 8.83 9.56
C ALA A 358 -20.13 8.53 11.05
N ARG A 359 -21.38 8.14 11.33
CA ARG A 359 -21.75 7.46 12.60
C ARG A 359 -22.29 6.09 12.21
N CYS A 360 -21.81 5.07 12.91
CA CYS A 360 -22.00 3.64 12.54
C CYS A 360 -22.30 2.85 13.82
N THR A 361 -23.58 2.54 14.07
CA THR A 361 -24.12 1.97 15.34
C THR A 361 -24.85 0.64 15.09
N PRO A 362 -24.88 -0.27 16.09
CA PRO A 362 -25.54 -1.56 15.92
C PRO A 362 -27.03 -1.43 15.62
N THR A 363 -27.55 -2.29 14.76
CA THR A 363 -29.01 -2.33 14.50
C THR A 363 -29.44 -3.74 14.09
N ASP A 364 -30.72 -4.07 14.28
CA ASP A 364 -31.32 -5.29 13.72
C ASP A 364 -32.35 -4.84 12.66
N ALA A 365 -32.42 -3.57 12.28
CA ALA A 365 -33.27 -3.15 11.14
C ALA A 365 -32.85 -3.87 9.85
N ALA A 366 -33.77 -4.01 8.90
CA ALA A 366 -33.53 -4.66 7.59
C ALA A 366 -32.30 -4.02 6.89
N ALA A 367 -31.40 -4.85 6.36
CA ALA A 367 -30.20 -4.40 5.63
C ALA A 367 -30.66 -3.72 4.33
N GLU A 368 -30.09 -2.59 3.97
CA GLU A 368 -30.31 -1.99 2.63
C GLU A 368 -29.11 -2.28 1.71
N ILE A 369 -27.94 -2.57 2.31
CA ILE A 369 -26.68 -2.88 1.56
C ILE A 369 -26.07 -4.11 2.24
N GLU A 370 -25.65 -5.11 1.46
CA GLU A 370 -24.88 -6.25 1.96
C GLU A 370 -23.59 -6.40 1.14
N MET A 371 -22.52 -6.85 1.80
CA MET A 371 -21.21 -7.16 1.16
C MET A 371 -20.36 -8.01 2.12
N ASP A 372 -19.49 -8.83 1.57
CA ASP A 372 -18.44 -9.54 2.36
C ASP A 372 -17.42 -8.51 2.88
N ARG A 373 -16.71 -8.85 3.94
CA ARG A 373 -15.74 -7.96 4.60
C ARG A 373 -14.68 -7.45 3.60
N ASP A 374 -14.19 -8.30 2.69
CA ASP A 374 -13.13 -7.96 1.71
C ASP A 374 -13.58 -6.78 0.84
N VAL A 375 -14.85 -6.73 0.51
CA VAL A 375 -15.40 -5.68 -0.38
C VAL A 375 -15.29 -4.34 0.31
N LEU A 376 -15.55 -4.31 1.62
CA LEU A 376 -15.43 -3.07 2.41
C LEU A 376 -13.99 -2.60 2.39
N GLY A 377 -13.01 -3.49 2.56
CA GLY A 377 -11.60 -3.08 2.46
C GLY A 377 -11.32 -2.44 1.11
N SER A 378 -11.82 -3.02 0.02
CA SER A 378 -11.61 -2.46 -1.35
C SER A 378 -12.26 -1.06 -1.51
N LEU A 379 -13.37 -0.75 -0.81
CA LEU A 379 -14.01 0.58 -0.89
C LEU A 379 -13.27 1.60 -0.03
N TYR A 380 -12.52 1.14 0.99
CA TYR A 380 -12.23 1.98 2.18
C TYR A 380 -11.35 3.17 1.83
N LEU A 381 -10.39 3.03 0.94
CA LEU A 381 -9.43 4.13 0.63
C LEU A 381 -9.88 4.86 -0.65
N GLY A 382 -11.01 4.52 -1.26
CA GLY A 382 -11.48 5.19 -2.50
C GLY A 382 -10.97 4.59 -3.80
N ALA A 383 -10.27 3.47 -3.83
CA ALA A 383 -9.64 2.97 -5.08
C ALA A 383 -10.68 2.30 -5.97
N HIS A 384 -11.73 1.73 -5.38
CA HIS A 384 -12.77 1.01 -6.14
C HIS A 384 -14.12 1.67 -5.87
N ARG A 385 -14.93 1.80 -6.92
CA ARG A 385 -16.29 2.40 -6.84
C ARG A 385 -17.29 1.32 -6.38
N ALA A 386 -18.12 1.66 -5.41
CA ALA A 386 -19.29 0.83 -4.99
C ALA A 386 -20.08 0.37 -6.22
N SER A 387 -20.31 1.24 -7.20
CA SER A 387 -21.08 0.90 -8.45
C SER A 387 -20.40 -0.23 -9.23
N THR A 388 -19.07 -0.24 -9.26
CA THR A 388 -18.26 -1.24 -10.00
C THR A 388 -18.43 -2.60 -9.30
N LEU A 389 -18.30 -2.61 -7.99
CA LEU A 389 -18.45 -3.81 -7.15
C LEU A 389 -19.91 -4.32 -7.19
N ALA A 390 -20.89 -3.40 -7.24
CA ALA A 390 -22.31 -3.76 -7.39
C ALA A 390 -22.54 -4.46 -8.73
N ALA A 391 -21.91 -3.99 -9.79
CA ALA A 391 -22.07 -4.58 -11.13
C ALA A 391 -21.55 -6.01 -11.13
N ALA A 392 -20.65 -6.40 -10.23
CA ALA A 392 -20.14 -7.78 -10.16
C ALA A 392 -20.94 -8.59 -9.13
N ASN A 393 -21.92 -7.94 -8.50
CA ASN A 393 -22.73 -8.48 -7.38
C ASN A 393 -21.87 -8.78 -6.14
N ARG A 394 -20.75 -8.08 -5.95
CA ARG A 394 -19.95 -8.23 -4.70
C ARG A 394 -20.63 -7.34 -3.66
N LEU A 395 -21.35 -6.32 -4.13
CA LEU A 395 -22.11 -5.42 -3.21
C LEU A 395 -23.57 -5.53 -3.64
N ARG A 396 -24.49 -5.77 -2.70
CA ARG A 396 -25.90 -6.01 -3.09
C ARG A 396 -26.82 -4.93 -2.52
N THR A 397 -27.59 -4.26 -3.39
CA THR A 397 -28.59 -3.25 -2.94
C THR A 397 -29.71 -3.20 -3.97
N LYS A 398 -30.90 -2.74 -3.58
CA LYS A 398 -32.03 -2.59 -4.55
C LYS A 398 -32.23 -1.10 -4.81
N ASP A 399 -31.45 -0.25 -4.16
CA ASP A 399 -31.54 1.21 -4.35
C ASP A 399 -30.34 1.78 -5.17
N SER A 400 -30.55 2.25 -6.40
CA SER A 400 -29.46 2.78 -7.26
C SER A 400 -29.03 4.16 -6.75
N GLN A 401 -29.99 4.90 -6.21
CA GLN A 401 -29.68 6.18 -5.54
C GLN A 401 -28.70 5.99 -4.37
N LEU A 402 -28.87 4.94 -3.59
CA LEU A 402 -27.98 4.69 -2.42
C LEU A 402 -26.58 4.36 -2.94
N LEU A 403 -26.51 3.59 -4.02
CA LEU A 403 -25.23 3.26 -4.71
C LEU A 403 -24.50 4.55 -5.13
N ARG A 404 -25.21 5.48 -5.80
CA ARG A 404 -24.57 6.76 -6.21
C ARG A 404 -24.09 7.49 -4.97
N ARG A 405 -24.86 7.48 -3.90
CA ARG A 405 -24.45 8.20 -2.66
C ARG A 405 -23.21 7.56 -2.03
N LEU A 406 -23.17 6.24 -1.96
CA LEU A 406 -21.98 5.50 -1.45
C LEU A 406 -20.75 5.81 -2.27
N ASP A 407 -20.87 5.66 -3.59
CA ASP A 407 -19.80 6.02 -4.54
C ASP A 407 -19.22 7.37 -4.16
N ALA A 408 -20.07 8.41 -4.12
CA ALA A 408 -19.61 9.81 -3.93
C ALA A 408 -18.99 9.93 -2.53
N ALA A 409 -19.59 9.29 -1.52
CA ALA A 409 -19.21 9.57 -0.12
C ALA A 409 -17.84 8.90 0.16
N PHE A 410 -17.61 7.69 -0.37
CA PHE A 410 -16.35 6.94 -0.09
C PHE A 410 -15.22 7.42 -1.02
N ALA A 411 -15.53 8.19 -2.06
CA ALA A 411 -14.49 8.81 -2.93
C ALA A 411 -13.52 9.59 -2.05
N SER A 412 -12.24 9.51 -2.42
CA SER A 412 -11.13 10.28 -1.80
C SER A 412 -10.77 11.49 -2.67
N ASP A 413 -10.75 12.64 -2.04
CA ASP A 413 -10.31 13.93 -2.62
C ASP A 413 -8.86 13.82 -3.11
N VAL A 414 -7.94 13.43 -2.23
CA VAL A 414 -6.52 13.16 -2.58
C VAL A 414 -6.46 11.74 -3.10
N PRO A 415 -5.99 11.51 -4.34
CA PRO A 415 -5.95 10.15 -4.86
C PRO A 415 -5.13 9.21 -3.94
N VAL A 416 -5.58 7.98 -3.81
CA VAL A 416 -4.90 6.93 -3.00
C VAL A 416 -3.62 6.48 -3.74
N GLN A 417 -2.53 6.40 -2.98
CA GLN A 417 -1.20 5.97 -3.46
C GLN A 417 -0.70 4.80 -2.59
N THR A 418 0.34 4.11 -3.04
CA THR A 418 0.95 2.98 -2.29
C THR A 418 2.29 3.46 -1.73
N ALA A 419 2.52 3.32 -0.44
CA ALA A 419 3.73 3.88 0.22
C ALA A 419 4.94 2.99 -0.10
N PHE A 420 5.06 1.84 0.51
CA PHE A 420 6.23 0.95 0.37
C PHE A 420 5.75 -0.42 0.75
N GLU A 421 6.30 -1.41 0.09
CA GLU A 421 5.99 -2.82 0.30
C GLU A 421 6.55 -3.25 1.67
N PHE A 422 5.86 -4.18 2.31
CA PHE A 422 6.22 -4.73 3.64
C PHE A 422 5.83 -6.21 3.62
C01 VFX B . 11.05 -10.52 10.03
O02 VFX B . 9.88 -9.85 9.49
C03 VFX B . 9.97 -9.46 8.14
C04 VFX B . 8.90 -8.84 7.48
C05 VFX B . 9.07 -8.42 6.14
C06 VFX B . 10.30 -8.61 5.45
C07 VFX B . 10.53 -8.26 3.97
C08 VFX B . 10.06 -6.85 3.61
N09 VFX B . 10.50 -6.44 2.27
C10 VFX B . 11.85 -5.89 2.28
C11 VFX B . 9.52 -5.54 1.63
C12 VFX B . 10.01 -9.40 3.01
C13 VFX B . 8.47 -9.60 3.00
C14 VFX B . 7.97 -10.70 2.07
C15 VFX B . 8.72 -11.99 2.40
C16 VFX B . 10.23 -11.84 2.24
C17 VFX B . 10.77 -10.73 3.17
O18 VFX B . 10.30 -9.04 1.68
C19 VFX B . 11.35 -9.21 6.13
C20 VFX B . 11.19 -9.64 7.47
S DMS C . -11.75 13.66 2.03
O DMS C . -12.16 14.77 1.10
C1 DMS C . -12.47 14.08 3.62
C2 DMS C . -12.73 12.24 1.56
C1 GOL D . -7.86 12.71 1.00
O1 GOL D . -9.14 12.13 0.75
C2 GOL D . -7.59 13.18 2.42
O2 GOL D . -6.53 12.40 2.98
C3 GOL D . -7.23 14.67 2.52
O3 GOL D . -8.23 15.49 3.13
C1 GOL E . 0.52 16.59 -8.58
O1 GOL E . 1.30 17.26 -9.59
C2 GOL E . 0.95 16.88 -7.15
O2 GOL E . 1.93 15.95 -6.66
C3 GOL E . -0.19 16.93 -6.16
O3 GOL E . -1.10 18.00 -6.43
C1 PEG F . 4.82 9.17 -7.18
O1 PEG F . 4.29 8.24 -8.13
C2 PEG F . 4.47 10.64 -7.43
O2 PEG F . 3.14 11.02 -7.06
C3 PEG F . 2.45 11.55 -8.20
C4 PEG F . 1.13 12.10 -7.84
O4 PEG F . 1.21 13.45 -7.45
C1 GOL G . 3.80 4.22 -5.52
O1 GOL G . 3.43 2.97 -6.09
C2 GOL G . 2.79 5.30 -5.87
O2 GOL G . 1.46 4.83 -5.65
C3 GOL G . 3.11 6.59 -5.11
O3 GOL G . 2.50 7.72 -5.73
C1 GOL H . -10.87 -11.03 13.83
O1 GOL H . -11.03 -12.36 14.32
C2 GOL H . -12.18 -10.26 13.75
O2 GOL H . -11.96 -8.97 13.18
C3 GOL H . -13.27 -10.94 12.96
O3 GOL H . -12.78 -12.01 12.17
C1 PEG I . 9.74 -5.51 19.80
O1 PEG I . 11.00 -5.34 19.16
C2 PEG I . 9.01 -4.22 19.97
O2 PEG I . 8.30 -3.89 18.77
C3 PEG I . 7.12 -3.11 18.98
C4 PEG I . 6.47 -2.75 17.68
O4 PEG I . 6.86 -1.47 17.23
C1 GOL J . 8.19 -12.37 17.92
O1 GOL J . 7.02 -13.11 18.31
C2 GOL J . 8.34 -11.10 18.73
O2 GOL J . 8.94 -11.37 20.00
C3 GOL J . 9.17 -10.03 18.04
O3 GOL J . 10.31 -10.60 17.42
C1 GOL K . 4.05 -12.58 3.14
O1 GOL K . 4.00 -13.58 2.12
C2 GOL K . 3.08 -11.42 2.94
O2 GOL K . 3.73 -10.38 2.19
C3 GOL K . 1.69 -11.82 2.42
O3 GOL K . 1.67 -12.49 1.15
C1 GOL L . -30.42 -7.03 -1.05
O1 GOL L . -30.24 -6.78 -2.45
C2 GOL L . -30.17 -5.80 -0.20
O2 GOL L . -31.41 -5.16 0.13
C3 GOL L . -29.43 -6.11 1.09
O3 GOL L . -30.00 -7.23 1.78
#